data_7PE4
#
_entry.id   7PE4
#
_cell.length_a   101.887
_cell.length_b   101.887
_cell.length_c   122.098
_cell.angle_alpha   90.000
_cell.angle_beta   90.000
_cell.angle_gamma   90.000
#
_symmetry.space_group_name_H-M   'I 41'
#
loop_
_entity.id
_entity.type
_entity.pdbx_description
1 polymer 'Glucosyl-3-phosphoglycerate synthase'
2 non-polymer "URIDINE-5'-DIPHOSPHATE-GLUCOSE"
3 non-polymer 'MAGNESIUM ION'
4 non-polymer 'CHLORIDE ION'
5 non-polymer 'BICARBONATE ION'
6 water water
#
_entity_poly.entity_id   1
_entity_poly.type   'polypeptide(L)'
_entity_poly.pdbx_seq_one_letter_code
;MTLVPDLTATDLARHRWLTDNSWTRPTWTVAELEAAKAGRTISVVLPALNEEETVGGVVETIRPLLGGLVDELIVLDSGS
TDDTEIRAMAAGARVISREVALPEVAPQPGKGEVLWRSLAATTGDIIVFIDSDLIDPDPMFVPKLVGPLLLSEGVHLVKG
FYRRPLKTSGSEDAHGGGRVTELVARPLLAALRPELTCVLQPLGGEYAGTRELLMSVPFAPGYGVEIGLLVDTYDRLGLD
AIAQVNLGVRAHRNRPLTDLAAMSRQVIATLFSRCGVPDSGVGLTQFFADGDGFSPRTSEVSLVDRPPMNTLRGKLAAAL
EHHHHHH
;
_entity_poly.pdbx_strand_id   A
#
# COMPACT_ATOMS: atom_id res chain seq x y z
N THR A 2 -15.95 18.14 -2.83
CA THR A 2 -16.78 19.34 -2.77
C THR A 2 -15.90 20.60 -2.67
N LEU A 3 -16.52 21.76 -2.88
CA LEU A 3 -15.79 23.02 -2.92
C LEU A 3 -15.30 23.42 -1.54
N VAL A 4 -14.01 23.76 -1.45
CA VAL A 4 -13.36 24.15 -0.20
C VAL A 4 -12.73 25.52 -0.36
N PRO A 5 -13.52 26.60 -0.45
CA PRO A 5 -12.92 27.93 -0.63
C PRO A 5 -12.06 28.39 0.55
N ASP A 6 -12.13 27.73 1.70
N ASP A 6 -12.14 27.70 1.69
CA ASP A 6 -11.38 28.17 2.86
CA ASP A 6 -11.43 28.06 2.91
C ASP A 6 -9.92 27.73 2.81
C ASP A 6 -10.02 27.49 2.97
N LEU A 7 -9.60 26.75 1.97
CA LEU A 7 -8.29 26.13 1.93
C LEU A 7 -7.55 26.56 0.67
N THR A 8 -6.26 26.88 0.81
CA THR A 8 -5.43 27.24 -0.32
C THR A 8 -4.20 26.37 -0.34
N ALA A 9 -3.57 26.29 -1.52
CA ALA A 9 -2.31 25.56 -1.67
C ALA A 9 -1.24 26.12 -0.73
N THR A 10 -1.19 27.44 -0.55
CA THR A 10 -0.24 28.03 0.39
C THR A 10 -0.49 27.54 1.82
N ASP A 11 -1.77 27.47 2.24
CA ASP A 11 -2.10 26.84 3.52
C ASP A 11 -1.52 25.44 3.59
N LEU A 12 -1.73 24.63 2.55
CA LEU A 12 -1.28 23.24 2.57
C LEU A 12 0.24 23.16 2.58
N ALA A 13 0.92 24.08 1.90
CA ALA A 13 2.37 24.06 1.84
C ALA A 13 3.00 24.22 3.22
N ARG A 14 2.26 24.79 4.18
CA ARG A 14 2.78 25.05 5.53
C ARG A 14 1.93 24.38 6.61
N HIS A 15 1.22 23.31 6.26
CA HIS A 15 0.35 22.62 7.21
C HIS A 15 1.15 22.05 8.39
N ARG A 16 0.62 22.22 9.60
CA ARG A 16 1.29 21.69 10.79
C ARG A 16 1.58 20.20 10.66
N TRP A 17 0.73 19.48 9.93
CA TRP A 17 0.93 18.05 9.71
C TRP A 17 2.29 17.76 9.10
N LEU A 18 2.76 18.64 8.21
CA LEU A 18 4.08 18.45 7.61
C LEU A 18 5.20 18.45 8.65
N THR A 19 4.94 19.00 9.84
CA THR A 19 5.92 19.01 10.92
C THR A 19 5.72 17.85 11.89
N ASP A 20 4.48 17.65 12.36
CA ASP A 20 4.22 16.73 13.46
C ASP A 20 4.08 15.28 13.03
N ASN A 21 3.63 15.03 11.79
CA ASN A 21 3.35 13.67 11.34
C ASN A 21 4.23 13.24 10.18
N SER A 22 5.29 14.00 9.88
CA SER A 22 6.16 13.71 8.76
C SER A 22 7.60 13.71 9.27
N TRP A 23 8.29 12.58 9.09
CA TRP A 23 9.66 12.43 9.57
C TRP A 23 10.59 12.30 8.37
N THR A 24 11.37 13.35 8.10
N THR A 24 11.37 13.35 8.11
CA THR A 24 12.36 13.29 7.04
CA THR A 24 12.37 13.31 7.05
C THR A 24 13.65 12.61 7.51
C THR A 24 13.68 12.69 7.49
N ARG A 25 13.97 12.69 8.80
CA ARG A 25 15.18 12.08 9.35
C ARG A 25 14.84 11.27 10.59
N PRO A 26 14.12 10.15 10.42
CA PRO A 26 13.79 9.32 11.58
C PRO A 26 15.05 8.75 12.23
N THR A 27 15.11 8.84 13.56
CA THR A 27 16.25 8.36 14.33
C THR A 27 15.85 7.36 15.42
N TRP A 28 14.70 6.69 15.27
CA TRP A 28 14.36 5.63 16.21
C TRP A 28 15.30 4.45 16.05
N THR A 29 15.63 3.80 17.15
CA THR A 29 16.39 2.56 17.13
C THR A 29 15.44 1.36 17.23
N VAL A 30 15.90 0.22 16.72
CA VAL A 30 15.10 -1.00 16.80
C VAL A 30 14.83 -1.37 18.25
N ALA A 31 15.81 -1.12 19.12
CA ALA A 31 15.69 -1.49 20.53
C ALA A 31 14.58 -0.71 21.22
N GLU A 32 14.50 0.60 20.96
CA GLU A 32 13.45 1.39 21.58
C GLU A 32 12.10 1.14 20.92
N LEU A 33 12.07 0.70 19.66
CA LEU A 33 10.81 0.29 19.07
C LEU A 33 10.30 -1.00 19.71
N GLU A 34 11.18 -1.98 19.88
CA GLU A 34 10.76 -3.24 20.49
C GLU A 34 10.32 -3.03 21.94
N ALA A 35 11.01 -2.15 22.67
CA ALA A 35 10.61 -1.84 24.04
C ALA A 35 9.24 -1.17 24.11
N ALA A 36 8.79 -0.54 23.03
CA ALA A 36 7.53 0.19 23.01
C ALA A 36 6.38 -0.64 22.46
N LYS A 37 6.61 -1.90 22.10
CA LYS A 37 5.54 -2.71 21.53
C LYS A 37 4.40 -2.89 22.52
N ALA A 38 4.72 -3.03 23.81
CA ALA A 38 3.72 -3.09 24.88
C ALA A 38 2.66 -4.16 24.60
N GLY A 39 3.12 -5.32 24.12
CA GLY A 39 2.23 -6.44 23.86
C GLY A 39 1.65 -6.48 22.45
N ARG A 40 1.79 -5.42 21.67
CA ARG A 40 1.36 -5.46 20.28
C ARG A 40 2.34 -6.30 19.47
N THR A 41 1.80 -7.09 18.54
CA THR A 41 2.63 -7.86 17.62
C THR A 41 2.65 -7.20 16.25
N ILE A 42 3.63 -7.59 15.44
CA ILE A 42 3.88 -6.96 14.14
C ILE A 42 4.04 -8.06 13.09
N SER A 43 3.24 -7.96 12.02
CA SER A 43 3.30 -8.86 10.88
C SER A 43 3.78 -8.07 9.67
N VAL A 44 4.73 -8.65 8.95
CA VAL A 44 5.24 -8.05 7.71
C VAL A 44 4.78 -8.91 6.57
N VAL A 45 4.15 -8.28 5.57
CA VAL A 45 3.55 -8.98 4.44
C VAL A 45 4.18 -8.46 3.16
N LEU A 46 4.66 -9.39 2.34
CA LEU A 46 5.22 -9.06 1.04
C LEU A 46 4.35 -9.68 -0.02
N PRO A 47 3.55 -8.90 -0.76
CA PRO A 47 2.84 -9.46 -1.91
C PRO A 47 3.84 -9.76 -3.01
N ALA A 48 3.63 -10.88 -3.71
CA ALA A 48 4.61 -11.27 -4.72
C ALA A 48 3.92 -12.00 -5.86
N LEU A 49 4.01 -11.42 -7.05
CA LEU A 49 3.60 -12.06 -8.29
C LEU A 49 4.84 -12.13 -9.17
N ASN A 50 5.42 -13.32 -9.28
CA ASN A 50 6.56 -13.58 -10.17
C ASN A 50 7.71 -12.60 -9.93
N GLU A 51 8.26 -12.63 -8.71
CA GLU A 51 9.37 -11.74 -8.34
C GLU A 51 10.62 -12.55 -7.98
N GLU A 52 10.89 -13.63 -8.72
CA GLU A 52 11.95 -14.54 -8.32
C GLU A 52 13.29 -13.83 -8.17
N GLU A 53 13.54 -12.78 -8.97
CA GLU A 53 14.87 -12.15 -8.95
C GLU A 53 15.10 -11.28 -7.72
N THR A 54 14.04 -10.81 -7.07
CA THR A 54 14.20 -9.83 -6.00
C THR A 54 13.63 -10.25 -4.65
N VAL A 55 12.70 -11.22 -4.61
CA VAL A 55 11.95 -11.46 -3.38
C VAL A 55 12.88 -11.89 -2.25
N GLY A 56 13.85 -12.75 -2.55
CA GLY A 56 14.78 -13.19 -1.52
C GLY A 56 15.57 -12.03 -0.91
N GLY A 57 16.07 -11.13 -1.76
CA GLY A 57 16.76 -9.94 -1.26
C GLY A 57 15.89 -9.08 -0.34
N VAL A 58 14.61 -8.91 -0.66
CA VAL A 58 13.76 -8.11 0.22
C VAL A 58 13.56 -8.82 1.56
N VAL A 59 13.24 -10.13 1.51
CA VAL A 59 13.05 -10.93 2.72
C VAL A 59 14.28 -10.83 3.64
N GLU A 60 15.48 -10.92 3.06
CA GLU A 60 16.68 -10.98 3.91
C GLU A 60 16.94 -9.66 4.61
N THR A 61 16.52 -8.53 4.03
CA THR A 61 16.67 -7.28 4.77
C THR A 61 15.76 -7.26 6.00
N ILE A 62 14.72 -8.09 6.04
CA ILE A 62 13.74 -8.02 7.13
C ILE A 62 13.94 -9.18 8.12
N ARG A 63 14.44 -10.32 7.62
CA ARG A 63 14.56 -11.54 8.43
C ARG A 63 15.29 -11.37 9.77
N PRO A 64 16.32 -10.52 9.91
CA PRO A 64 16.96 -10.41 11.24
C PRO A 64 16.05 -9.82 12.32
N LEU A 65 14.97 -9.14 11.92
CA LEU A 65 14.01 -8.60 12.88
C LEU A 65 13.07 -9.65 13.43
N LEU A 66 12.94 -10.80 12.75
CA LEU A 66 11.94 -11.79 13.11
C LEU A 66 12.29 -12.42 14.47
N GLY A 67 11.31 -12.48 15.36
CA GLY A 67 11.54 -12.91 16.72
C GLY A 67 11.91 -11.79 17.68
N GLY A 68 12.12 -10.59 17.16
CA GLY A 68 12.36 -9.42 17.99
C GLY A 68 11.29 -8.40 17.70
N LEU A 69 11.62 -7.38 16.91
CA LEU A 69 10.62 -6.39 16.53
C LEU A 69 9.48 -7.02 15.74
N VAL A 70 9.80 -7.92 14.82
CA VAL A 70 8.83 -8.51 13.90
C VAL A 70 8.42 -9.89 14.42
N ASP A 71 7.11 -10.15 14.45
CA ASP A 71 6.58 -11.42 14.93
C ASP A 71 6.25 -12.41 13.81
N GLU A 72 5.92 -11.92 12.61
CA GLU A 72 5.58 -12.74 11.46
C GLU A 72 6.18 -12.11 10.22
N LEU A 73 6.77 -12.93 9.34
CA LEU A 73 7.35 -12.47 8.08
C LEU A 73 6.80 -13.35 6.97
N ILE A 74 5.86 -12.81 6.19
CA ILE A 74 5.06 -13.60 5.27
C ILE A 74 5.19 -13.04 3.87
N VAL A 75 5.42 -13.94 2.90
CA VAL A 75 5.26 -13.62 1.49
C VAL A 75 3.91 -14.17 1.06
N LEU A 76 3.03 -13.28 0.61
CA LEU A 76 1.71 -13.68 0.12
C LEU A 76 1.86 -13.89 -1.38
N ASP A 77 1.95 -15.15 -1.79
CA ASP A 77 2.22 -15.51 -3.18
C ASP A 77 0.94 -15.31 -4.00
N SER A 78 1.03 -14.47 -5.04
CA SER A 78 -0.11 -14.05 -5.83
C SER A 78 -0.36 -14.91 -7.05
N GLY A 79 -0.02 -16.20 -7.01
CA GLY A 79 -0.15 -17.05 -8.17
C GLY A 79 1.07 -17.12 -9.06
N SER A 80 2.27 -16.97 -8.49
CA SER A 80 3.49 -16.96 -9.28
C SER A 80 3.71 -18.29 -10.00
N THR A 81 4.25 -18.21 -11.22
CA THR A 81 4.69 -19.40 -11.94
C THR A 81 6.22 -19.52 -12.03
N ASP A 82 6.98 -18.50 -11.62
CA ASP A 82 8.43 -18.62 -11.56
C ASP A 82 8.86 -19.25 -10.24
N ASP A 83 10.08 -18.98 -9.75
CA ASP A 83 10.57 -19.60 -8.52
C ASP A 83 10.37 -18.73 -7.28
N THR A 84 9.44 -17.75 -7.34
CA THR A 84 9.20 -16.86 -6.20
C THR A 84 9.06 -17.61 -4.88
N GLU A 85 8.22 -18.65 -4.85
CA GLU A 85 7.89 -19.27 -3.57
C GLU A 85 9.12 -19.91 -2.91
N ILE A 86 9.84 -20.75 -3.65
CA ILE A 86 10.96 -21.43 -3.03
C ILE A 86 12.09 -20.45 -2.68
N ARG A 87 12.31 -19.41 -3.50
CA ARG A 87 13.32 -18.43 -3.15
C ARG A 87 12.94 -17.63 -1.90
N ALA A 88 11.65 -17.32 -1.72
CA ALA A 88 11.22 -16.66 -0.50
C ALA A 88 11.41 -17.56 0.71
N MET A 89 11.08 -18.84 0.57
CA MET A 89 11.29 -19.79 1.66
C MET A 89 12.78 -19.94 1.97
N ALA A 90 13.60 -20.08 0.92
CA ALA A 90 15.05 -20.22 1.13
C ALA A 90 15.66 -18.97 1.76
N ALA A 91 15.01 -17.81 1.63
CA ALA A 91 15.48 -16.57 2.25
C ALA A 91 14.97 -16.38 3.68
N GLY A 92 14.11 -17.27 4.18
CA GLY A 92 13.67 -17.21 5.56
C GLY A 92 12.23 -16.76 5.78
N ALA A 93 11.46 -16.57 4.72
CA ALA A 93 10.07 -16.17 4.87
C ALA A 93 9.14 -17.38 4.89
N ARG A 94 8.01 -17.23 5.57
CA ARG A 94 6.90 -18.14 5.38
C ARG A 94 6.08 -17.69 4.16
N VAL A 95 5.72 -18.63 3.30
CA VAL A 95 5.01 -18.29 2.07
C VAL A 95 3.61 -18.88 2.14
N ILE A 96 2.61 -18.04 1.87
CA ILE A 96 1.20 -18.44 1.91
C ILE A 96 0.57 -18.02 0.58
N SER A 97 -0.07 -18.97 -0.09
CA SER A 97 -0.77 -18.65 -1.33
C SER A 97 -2.09 -17.93 -1.03
N ARG A 98 -2.67 -17.32 -2.07
CA ARG A 98 -3.96 -16.66 -1.90
C ARG A 98 -5.02 -17.67 -1.47
N GLU A 99 -4.95 -18.89 -2.02
CA GLU A 99 -5.92 -19.92 -1.65
C GLU A 99 -5.79 -20.30 -0.19
N VAL A 100 -4.57 -20.57 0.27
CA VAL A 100 -4.37 -20.98 1.67
C VAL A 100 -4.73 -19.83 2.62
N ALA A 101 -4.54 -18.58 2.18
CA ALA A 101 -4.85 -17.45 3.05
C ALA A 101 -6.33 -17.38 3.36
N LEU A 102 -7.17 -17.77 2.41
N LEU A 102 -7.18 -17.73 2.40
CA LEU A 102 -8.63 -17.66 2.54
CA LEU A 102 -8.64 -17.67 2.57
C LEU A 102 -9.26 -18.67 1.58
C LEU A 102 -9.28 -18.65 1.62
N PRO A 103 -9.30 -19.94 1.97
CA PRO A 103 -9.73 -20.97 1.01
C PRO A 103 -11.21 -20.92 0.64
N GLU A 104 -12.06 -20.28 1.45
CA GLU A 104 -13.49 -20.27 1.14
C GLU A 104 -13.84 -19.43 -0.08
N VAL A 105 -12.95 -18.53 -0.51
CA VAL A 105 -13.24 -17.56 -1.56
C VAL A 105 -12.24 -17.74 -2.69
N ALA A 106 -12.73 -17.83 -3.92
CA ALA A 106 -11.84 -17.99 -5.06
C ALA A 106 -11.02 -16.71 -5.27
N PRO A 107 -9.72 -16.84 -5.57
CA PRO A 107 -8.88 -15.63 -5.77
C PRO A 107 -9.33 -14.80 -6.97
N GLN A 108 -9.25 -13.50 -6.81
CA GLN A 108 -9.35 -12.56 -7.92
C GLN A 108 -7.96 -12.02 -8.26
N PRO A 109 -7.73 -11.58 -9.50
CA PRO A 109 -6.43 -11.01 -9.84
C PRO A 109 -6.21 -9.64 -9.17
N GLY A 110 -4.96 -9.26 -9.05
CA GLY A 110 -4.62 -7.91 -8.68
C GLY A 110 -4.05 -7.84 -7.27
N LYS A 111 -3.38 -6.70 -7.01
CA LYS A 111 -2.66 -6.56 -5.75
C LYS A 111 -3.59 -6.39 -4.54
N GLY A 112 -4.68 -5.63 -4.70
CA GLY A 112 -5.60 -5.43 -3.58
C GLY A 112 -6.11 -6.74 -2.99
N GLU A 113 -6.45 -7.70 -3.85
CA GLU A 113 -6.84 -9.03 -3.40
C GLU A 113 -5.79 -9.65 -2.49
N VAL A 114 -4.51 -9.49 -2.85
CA VAL A 114 -3.44 -10.10 -2.09
C VAL A 114 -3.36 -9.50 -0.69
N LEU A 115 -3.37 -8.17 -0.61
CA LEU A 115 -3.28 -7.51 0.68
C LEU A 115 -4.50 -7.80 1.54
N TRP A 116 -5.68 -7.82 0.93
CA TRP A 116 -6.90 -8.17 1.65
C TRP A 116 -6.80 -9.57 2.24
N ARG A 117 -6.41 -10.55 1.42
CA ARG A 117 -6.30 -11.92 1.93
C ARG A 117 -5.26 -12.03 3.03
N SER A 118 -4.20 -11.21 2.97
CA SER A 118 -3.17 -11.31 4.00
C SER A 118 -3.70 -10.94 5.38
N LEU A 119 -4.79 -10.15 5.46
CA LEU A 119 -5.38 -9.89 6.76
C LEU A 119 -5.84 -11.18 7.43
N ALA A 120 -6.39 -12.12 6.66
CA ALA A 120 -6.84 -13.39 7.23
C ALA A 120 -5.68 -14.31 7.56
N ALA A 121 -4.53 -14.13 6.92
CA ALA A 121 -3.38 -14.98 7.11
C ALA A 121 -2.45 -14.51 8.23
N THR A 122 -2.57 -13.27 8.67
CA THR A 122 -1.69 -12.71 9.70
C THR A 122 -2.40 -12.65 11.05
N THR A 123 -1.61 -12.42 12.10
CA THR A 123 -2.16 -12.21 13.43
C THR A 123 -1.70 -10.91 14.08
N GLY A 124 -0.81 -10.15 13.46
CA GLY A 124 -0.25 -8.99 14.14
C GLY A 124 -1.27 -7.89 14.37
N ASP A 125 -1.10 -7.19 15.50
CA ASP A 125 -1.83 -5.96 15.74
C ASP A 125 -1.43 -4.86 14.77
N ILE A 126 -0.22 -4.93 14.22
CA ILE A 126 0.28 -4.01 13.21
C ILE A 126 0.69 -4.82 11.99
N ILE A 127 0.28 -4.39 10.81
CA ILE A 127 0.61 -5.05 9.55
C ILE A 127 1.42 -4.07 8.70
N VAL A 128 2.58 -4.54 8.24
CA VAL A 128 3.48 -3.75 7.40
C VAL A 128 3.50 -4.38 6.02
N PHE A 129 3.26 -3.58 5.00
CA PHE A 129 3.33 -4.04 3.62
C PHE A 129 4.61 -3.53 2.98
N ILE A 130 5.36 -4.42 2.33
CA ILE A 130 6.59 -4.09 1.61
C ILE A 130 6.55 -4.77 0.26
N ASP A 131 6.73 -4.02 -0.82
CA ASP A 131 6.76 -4.62 -2.15
C ASP A 131 7.94 -5.59 -2.29
N SER A 132 7.72 -6.66 -3.04
CA SER A 132 8.73 -7.70 -3.20
C SER A 132 9.57 -7.55 -4.47
N ASP A 133 9.30 -6.52 -5.28
CA ASP A 133 10.08 -6.26 -6.49
C ASP A 133 11.18 -5.23 -6.27
N LEU A 134 11.40 -4.79 -5.03
CA LEU A 134 12.40 -3.76 -4.79
C LEU A 134 13.80 -4.30 -5.05
N ILE A 135 14.59 -3.56 -5.82
CA ILE A 135 15.93 -3.99 -6.18
C ILE A 135 16.91 -3.69 -5.06
N ASP A 136 16.71 -2.60 -4.32
CA ASP A 136 17.66 -2.17 -3.29
C ASP A 136 16.93 -1.88 -1.97
N PRO A 137 16.31 -2.89 -1.37
CA PRO A 137 15.60 -2.65 -0.11
C PRO A 137 16.58 -2.35 1.02
N ASP A 138 16.17 -1.43 1.88
CA ASP A 138 16.98 -1.06 3.03
C ASP A 138 16.46 -1.73 4.30
N PRO A 139 17.34 -2.24 5.17
CA PRO A 139 16.86 -2.99 6.34
C PRO A 139 16.14 -2.15 7.39
N MET A 140 16.18 -0.81 7.28
CA MET A 140 15.41 0.04 8.19
C MET A 140 13.99 0.35 7.70
N PHE A 141 13.49 -0.31 6.66
CA PHE A 141 12.13 -0.04 6.20
C PHE A 141 11.11 -0.32 7.29
N VAL A 142 11.09 -1.55 7.81
CA VAL A 142 10.08 -1.91 8.82
C VAL A 142 10.20 -1.05 10.08
N PRO A 143 11.39 -0.88 10.68
CA PRO A 143 11.47 -0.01 11.87
C PRO A 143 10.93 1.39 11.63
N LYS A 144 11.25 1.99 10.49
CA LYS A 144 10.78 3.34 10.22
C LYS A 144 9.27 3.37 10.05
N LEU A 145 8.70 2.34 9.42
CA LEU A 145 7.27 2.34 9.15
C LEU A 145 6.44 2.17 10.40
N VAL A 146 6.96 1.46 11.41
CA VAL A 146 6.21 1.22 12.65
C VAL A 146 6.50 2.27 13.72
N GLY A 147 7.54 3.07 13.56
CA GLY A 147 7.87 4.13 14.50
C GLY A 147 6.69 4.97 14.96
N PRO A 148 5.99 5.63 14.04
CA PRO A 148 4.84 6.47 14.47
C PRO A 148 3.72 5.67 15.13
N LEU A 149 3.51 4.42 14.72
CA LEU A 149 2.48 3.60 15.34
C LEU A 149 2.83 3.27 16.79
N LEU A 150 4.11 3.01 17.05
CA LEU A 150 4.55 2.61 18.39
C LEU A 150 4.92 3.79 19.28
N LEU A 151 5.35 4.93 18.71
CA LEU A 151 5.92 5.99 19.52
C LEU A 151 5.23 7.33 19.38
N SER A 152 4.30 7.50 18.44
CA SER A 152 3.42 8.65 18.43
C SER A 152 2.09 8.27 19.05
N GLU A 153 1.16 9.23 19.04
CA GLU A 153 -0.18 9.05 19.58
C GLU A 153 -1.20 9.23 18.46
N GLY A 154 -2.15 8.31 18.35
CA GLY A 154 -3.25 8.49 17.43
C GLY A 154 -2.94 8.26 15.97
N VAL A 155 -1.80 7.64 15.65
CA VAL A 155 -1.47 7.32 14.27
C VAL A 155 -1.90 5.88 13.99
N HIS A 156 -2.55 5.67 12.86
CA HIS A 156 -3.00 4.35 12.46
C HIS A 156 -2.54 3.93 11.07
N LEU A 157 -1.92 4.82 10.30
CA LEU A 157 -1.47 4.51 8.96
C LEU A 157 -0.20 5.30 8.69
N VAL A 158 0.85 4.62 8.26
CA VAL A 158 2.15 5.25 8.02
C VAL A 158 2.58 4.93 6.59
N LYS A 159 2.80 5.97 5.79
CA LYS A 159 3.25 5.83 4.40
C LYS A 159 4.74 6.13 4.30
N GLY A 160 5.51 5.22 3.71
CA GLY A 160 6.93 5.44 3.52
C GLY A 160 7.21 6.10 2.19
N PHE A 161 7.94 7.22 2.22
CA PHE A 161 8.32 7.88 0.98
C PHE A 161 9.83 7.82 0.76
N TYR A 162 10.22 8.06 -0.48
CA TYR A 162 11.63 8.08 -0.87
C TYR A 162 12.02 9.47 -1.35
N ARG A 163 13.22 9.89 -0.95
CA ARG A 163 13.82 11.09 -1.55
C ARG A 163 14.37 10.76 -2.94
N ARG A 164 14.25 11.72 -3.85
CA ARG A 164 14.68 11.52 -5.23
C ARG A 164 16.09 12.05 -5.40
N PRO A 165 17.05 11.23 -5.85
CA PRO A 165 18.47 11.60 -5.95
C PRO A 165 18.74 12.73 -6.95
N GLY A 176 10.93 14.15 -12.05
CA GLY A 176 11.62 13.97 -10.78
C GLY A 176 11.15 12.77 -9.98
N GLY A 177 9.86 12.47 -10.06
CA GLY A 177 9.26 11.37 -9.34
C GLY A 177 8.36 10.54 -10.24
N GLY A 178 7.39 9.88 -9.61
CA GLY A 178 6.51 8.98 -10.33
C GLY A 178 5.48 9.75 -11.14
N ARG A 179 5.28 9.32 -12.39
CA ARG A 179 4.38 10.06 -13.27
C ARG A 179 2.93 9.92 -12.80
N VAL A 180 2.50 8.73 -12.40
CA VAL A 180 1.11 8.58 -11.96
C VAL A 180 0.88 9.35 -10.66
N THR A 181 1.84 9.28 -9.74
CA THR A 181 1.75 10.03 -8.49
C THR A 181 1.61 11.53 -8.72
N GLU A 182 2.53 12.11 -9.51
CA GLU A 182 2.59 13.57 -9.64
C GLU A 182 1.53 14.12 -10.58
N LEU A 183 1.12 13.36 -11.59
CA LEU A 183 0.16 13.87 -12.55
C LEU A 183 -1.27 13.43 -12.28
N VAL A 184 -1.47 12.27 -11.66
CA VAL A 184 -2.81 11.72 -11.46
C VAL A 184 -3.20 11.78 -10.00
N ALA A 185 -2.51 11.02 -9.13
CA ALA A 185 -3.00 10.86 -7.76
C ALA A 185 -3.03 12.18 -7.01
N ARG A 186 -1.90 12.90 -6.99
N ARG A 186 -1.92 12.93 -7.03
CA ARG A 186 -1.84 14.13 -6.20
CA ARG A 186 -1.87 14.12 -6.19
C ARG A 186 -2.75 15.22 -6.74
C ARG A 186 -2.75 15.25 -6.73
N PRO A 187 -2.80 15.50 -8.05
CA PRO A 187 -3.76 16.52 -8.53
C PRO A 187 -5.21 16.14 -8.30
N LEU A 188 -5.57 14.86 -8.45
CA LEU A 188 -6.93 14.44 -8.13
C LEU A 188 -7.22 14.58 -6.64
N LEU A 189 -6.24 14.28 -5.78
CA LEU A 189 -6.43 14.52 -4.36
C LEU A 189 -6.58 16.01 -4.07
N ALA A 190 -5.85 16.87 -4.80
CA ALA A 190 -6.06 18.31 -4.59
C ALA A 190 -7.50 18.69 -4.89
N ALA A 191 -8.09 18.07 -5.92
CA ALA A 191 -9.46 18.40 -6.33
C ALA A 191 -10.48 17.82 -5.36
N LEU A 192 -10.23 16.64 -4.79
CA LEU A 192 -11.26 15.89 -4.08
C LEU A 192 -11.01 15.71 -2.59
N ARG A 193 -9.75 15.65 -2.16
CA ARG A 193 -9.38 15.48 -0.75
C ARG A 193 -8.13 16.30 -0.49
N PRO A 194 -8.24 17.63 -0.57
CA PRO A 194 -7.01 18.45 -0.67
C PRO A 194 -6.04 18.30 0.48
N GLU A 195 -6.50 17.96 1.69
CA GLU A 195 -5.56 17.77 2.79
C GLU A 195 -4.62 16.61 2.53
N LEU A 196 -5.07 15.60 1.80
CA LEU A 196 -4.23 14.45 1.52
C LEU A 196 -3.11 14.77 0.54
N THR A 197 -3.06 15.97 -0.04
CA THR A 197 -1.90 16.29 -0.85
C THR A 197 -0.65 16.51 0.00
N CYS A 198 -0.80 16.58 1.32
CA CYS A 198 0.37 16.63 2.20
C CYS A 198 1.17 15.33 2.14
N VAL A 199 0.55 14.23 1.72
CA VAL A 199 1.23 12.96 1.60
C VAL A 199 2.08 12.97 0.34
N LEU A 200 3.39 12.77 0.49
CA LEU A 200 4.31 12.90 -0.63
C LEU A 200 4.05 11.85 -1.69
N GLN A 201 3.86 10.59 -1.28
CA GLN A 201 3.79 9.48 -2.21
C GLN A 201 2.58 8.62 -1.83
N PRO A 202 1.37 9.06 -2.21
CA PRO A 202 0.17 8.32 -1.82
C PRO A 202 0.06 6.95 -2.45
N LEU A 203 0.73 6.70 -3.57
CA LEU A 203 0.65 5.38 -4.20
C LEU A 203 1.74 4.43 -3.74
N GLY A 204 2.52 4.81 -2.72
CA GLY A 204 3.67 3.99 -2.32
C GLY A 204 3.25 2.62 -1.82
N GLY A 205 4.07 1.62 -2.12
CA GLY A 205 3.83 0.26 -1.68
C GLY A 205 4.36 -0.11 -0.30
N GLU A 206 5.15 0.76 0.32
CA GLU A 206 5.73 0.50 1.65
C GLU A 206 4.95 1.31 2.68
N TYR A 207 4.12 0.63 3.46
CA TYR A 207 3.31 1.31 4.48
C TYR A 207 2.86 0.32 5.56
N ALA A 208 2.37 0.89 6.67
CA ALA A 208 1.99 0.12 7.84
C ALA A 208 0.65 0.63 8.39
N GLY A 209 -0.14 -0.30 8.92
CA GLY A 209 -1.45 0.04 9.47
C GLY A 209 -1.79 -0.83 10.65
N THR A 210 -2.65 -0.30 11.54
CA THR A 210 -3.13 -1.09 12.67
C THR A 210 -4.24 -2.03 12.20
N ARG A 211 -4.32 -3.20 12.84
CA ARG A 211 -5.25 -4.23 12.38
C ARG A 211 -6.69 -3.76 12.48
N GLU A 212 -7.06 -3.09 13.58
CA GLU A 212 -8.45 -2.65 13.74
C GLU A 212 -8.88 -1.79 12.56
N LEU A 213 -8.06 -0.83 12.16
CA LEU A 213 -8.37 -0.03 10.97
C LEU A 213 -8.48 -0.90 9.72
N LEU A 214 -7.47 -1.75 9.47
CA LEU A 214 -7.42 -2.50 8.21
C LEU A 214 -8.53 -3.55 8.10
N MET A 215 -8.96 -4.13 9.22
CA MET A 215 -10.06 -5.10 9.21
C MET A 215 -11.40 -4.44 8.93
N SER A 216 -11.49 -3.12 8.95
CA SER A 216 -12.78 -2.47 8.97
C SER A 216 -12.98 -1.56 7.77
N VAL A 217 -12.07 -1.55 6.80
CA VAL A 217 -12.27 -0.80 5.57
C VAL A 217 -12.36 -1.80 4.41
N PRO A 218 -13.11 -1.49 3.35
CA PRO A 218 -13.04 -2.32 2.14
C PRO A 218 -11.65 -2.22 1.52
N PHE A 219 -11.31 -3.21 0.69
CA PHE A 219 -10.04 -3.17 -0.05
C PHE A 219 -10.33 -3.02 -1.53
N ALA A 220 -9.84 -1.94 -2.13
CA ALA A 220 -10.00 -1.71 -3.55
C ALA A 220 -9.26 -2.77 -4.36
N PRO A 221 -9.73 -3.07 -5.57
CA PRO A 221 -9.08 -4.11 -6.37
C PRO A 221 -7.88 -3.57 -7.13
N GLY A 222 -6.99 -4.50 -7.50
CA GLY A 222 -5.86 -4.18 -8.37
C GLY A 222 -5.00 -3.08 -7.80
N TYR A 223 -4.59 -2.15 -8.66
CA TYR A 223 -3.74 -1.06 -8.20
C TYR A 223 -4.50 0.04 -7.48
N GLY A 224 -5.81 -0.11 -7.29
CA GLY A 224 -6.50 0.89 -6.50
C GLY A 224 -6.22 0.81 -5.01
N VAL A 225 -5.56 -0.25 -4.54
CA VAL A 225 -5.65 -0.58 -3.11
C VAL A 225 -5.00 0.51 -2.25
N GLU A 226 -3.83 1.04 -2.65
CA GLU A 226 -3.14 2.03 -1.79
C GLU A 226 -3.95 3.30 -1.63
N ILE A 227 -4.44 3.87 -2.74
CA ILE A 227 -5.16 5.13 -2.66
C ILE A 227 -6.51 4.94 -1.97
N GLY A 228 -7.13 3.77 -2.10
CA GLY A 228 -8.38 3.53 -1.40
C GLY A 228 -8.18 3.47 0.10
N LEU A 229 -7.09 2.83 0.53
CA LEU A 229 -6.80 2.75 1.96
C LEU A 229 -6.48 4.12 2.53
N LEU A 230 -5.72 4.94 1.78
CA LEU A 230 -5.39 6.28 2.25
C LEU A 230 -6.64 7.12 2.44
N VAL A 231 -7.53 7.14 1.43
CA VAL A 231 -8.73 7.98 1.50
C VAL A 231 -9.71 7.46 2.55
N ASP A 232 -9.89 6.13 2.64
CA ASP A 232 -10.78 5.59 3.68
C ASP A 232 -10.26 5.90 5.06
N THR A 233 -8.95 5.80 5.27
CA THR A 233 -8.38 6.14 6.57
C THR A 233 -8.62 7.60 6.88
N TYR A 234 -8.35 8.48 5.92
CA TYR A 234 -8.58 9.91 6.10
C TYR A 234 -10.04 10.20 6.42
N ASP A 235 -10.96 9.62 5.64
CA ASP A 235 -12.39 9.86 5.84
C ASP A 235 -12.84 9.40 7.22
N ARG A 236 -12.33 8.25 7.68
CA ARG A 236 -12.79 7.72 8.96
C ARG A 236 -12.12 8.40 10.14
N LEU A 237 -10.83 8.70 10.05
CA LEU A 237 -10.06 9.08 11.24
C LEU A 237 -9.41 10.45 11.17
N GLY A 238 -9.37 11.11 10.03
CA GLY A 238 -8.74 12.40 9.95
C GLY A 238 -7.26 12.32 9.58
N LEU A 239 -6.72 13.47 9.15
CA LEU A 239 -5.34 13.54 8.69
C LEU A 239 -4.36 13.14 9.79
N ASP A 240 -4.66 13.54 11.03
CA ASP A 240 -3.78 13.24 12.16
C ASP A 240 -3.54 11.76 12.35
N ALA A 241 -4.45 10.91 11.89
CA ALA A 241 -4.28 9.47 12.00
C ALA A 241 -3.29 8.91 10.98
N ILE A 242 -2.77 9.75 10.08
CA ILE A 242 -1.85 9.33 9.02
C ILE A 242 -0.50 9.99 9.26
N ALA A 243 0.58 9.25 8.97
CA ALA A 243 1.94 9.76 9.09
C ALA A 243 2.75 9.32 7.87
N GLN A 244 3.91 9.93 7.69
CA GLN A 244 4.81 9.52 6.61
C GLN A 244 6.26 9.63 7.09
N VAL A 245 7.10 8.72 6.60
CA VAL A 245 8.49 8.60 7.03
C VAL A 245 9.40 8.43 5.82
N ASN A 246 10.56 9.07 5.86
CA ASN A 246 11.50 8.99 4.76
C ASN A 246 12.24 7.66 4.83
N LEU A 247 12.09 6.83 3.80
CA LEU A 247 12.78 5.55 3.78
C LEU A 247 14.16 5.63 3.15
N GLY A 248 14.53 6.78 2.59
CA GLY A 248 15.86 6.95 2.03
C GLY A 248 15.80 7.26 0.55
N VAL A 249 16.93 7.13 -0.12
CA VAL A 249 17.03 7.45 -1.54
C VAL A 249 16.69 6.19 -2.32
N ARG A 250 15.70 6.29 -3.20
CA ARG A 250 15.42 5.27 -4.18
C ARG A 250 15.14 5.97 -5.50
N ALA A 251 15.86 5.58 -6.54
CA ALA A 251 15.59 6.11 -7.87
C ALA A 251 14.40 5.38 -8.48
N HIS A 252 13.53 6.14 -9.14
CA HIS A 252 12.40 5.52 -9.81
C HIS A 252 12.87 4.74 -11.02
N ARG A 253 12.46 3.47 -11.12
CA ARG A 253 12.75 2.65 -12.27
C ARG A 253 11.70 2.92 -13.34
N ASN A 254 12.08 2.73 -14.60
N ASN A 254 12.08 2.69 -14.60
CA ASN A 254 11.19 3.11 -15.70
CA ASN A 254 11.24 3.03 -15.73
C ASN A 254 10.20 2.00 -16.00
C ASN A 254 10.18 1.94 -15.95
N ARG A 255 8.92 2.37 -16.08
CA ARG A 255 7.81 1.52 -16.45
C ARG A 255 7.18 2.08 -17.72
N PRO A 256 6.71 1.25 -18.64
CA PRO A 256 6.17 1.78 -19.89
C PRO A 256 4.91 2.61 -19.65
N LEU A 257 4.76 3.66 -20.47
CA LEU A 257 3.63 4.57 -20.31
C LEU A 257 2.31 3.84 -20.41
N THR A 258 2.22 2.79 -21.25
CA THR A 258 0.96 2.08 -21.45
C THR A 258 0.51 1.35 -20.19
N ASP A 259 1.45 0.75 -19.46
CA ASP A 259 1.13 0.17 -18.16
C ASP A 259 0.65 1.24 -17.19
N LEU A 260 1.34 2.39 -17.17
CA LEU A 260 0.95 3.43 -16.23
C LEU A 260 -0.43 3.98 -16.55
N ALA A 261 -0.82 4.00 -17.83
CA ALA A 261 -2.13 4.54 -18.18
C ALA A 261 -3.26 3.62 -17.70
N ALA A 262 -3.09 2.30 -17.86
CA ALA A 262 -4.09 1.39 -17.31
C ALA A 262 -4.14 1.49 -15.80
N MET A 263 -2.98 1.61 -15.15
CA MET A 263 -2.96 1.77 -13.70
C MET A 263 -3.65 3.07 -13.28
N SER A 264 -3.38 4.15 -14.02
CA SER A 264 -4.05 5.42 -13.73
C SER A 264 -5.56 5.28 -13.78
N ARG A 265 -6.09 4.58 -14.79
CA ARG A 265 -7.53 4.37 -14.91
C ARG A 265 -8.12 3.72 -13.65
N GLN A 266 -7.41 2.75 -13.07
CA GLN A 266 -7.90 2.09 -11.87
C GLN A 266 -7.75 2.97 -10.64
N VAL A 267 -6.65 3.73 -10.54
CA VAL A 267 -6.50 4.69 -9.46
C VAL A 267 -7.67 5.67 -9.48
N ILE A 268 -8.06 6.12 -10.68
CA ILE A 268 -9.18 7.05 -10.82
C ILE A 268 -10.48 6.39 -10.37
N ALA A 269 -10.73 5.15 -10.81
CA ALA A 269 -11.97 4.49 -10.45
C ALA A 269 -12.07 4.31 -8.94
N THR A 270 -10.96 3.98 -8.29
CA THR A 270 -10.99 3.78 -6.84
C THR A 270 -11.16 5.09 -6.10
N LEU A 271 -10.46 6.13 -6.55
CA LEU A 271 -10.63 7.43 -5.94
C LEU A 271 -12.06 7.92 -6.12
N PHE A 272 -12.60 7.75 -7.33
CA PHE A 272 -13.97 8.19 -7.60
C PHE A 272 -14.97 7.44 -6.73
N SER A 273 -14.73 6.15 -6.50
CA SER A 273 -15.69 5.38 -5.73
C SER A 273 -15.63 5.76 -4.25
N ARG A 274 -14.48 6.21 -3.76
CA ARG A 274 -14.42 6.68 -2.38
C ARG A 274 -14.96 8.09 -2.22
N CYS A 275 -14.94 8.90 -3.27
CA CYS A 275 -15.28 10.32 -3.16
C CYS A 275 -16.67 10.64 -3.71
N GLY A 276 -17.51 9.63 -3.94
CA GLY A 276 -18.86 9.90 -4.42
C GLY A 276 -18.96 10.37 -5.86
N VAL A 277 -17.91 10.17 -6.66
CA VAL A 277 -17.92 10.54 -8.06
C VAL A 277 -18.41 9.35 -8.87
N PRO A 278 -19.48 9.46 -9.66
CA PRO A 278 -19.96 8.30 -10.41
C PRO A 278 -19.06 7.96 -11.60
N ASP A 279 -18.27 6.91 -11.43
CA ASP A 279 -17.38 6.43 -12.47
C ASP A 279 -18.19 5.61 -13.48
N SER A 280 -17.90 5.81 -14.78
CA SER A 280 -18.63 5.10 -15.83
C SER A 280 -18.46 3.59 -15.75
N GLY A 281 -17.38 3.10 -15.14
CA GLY A 281 -17.03 1.70 -15.17
C GLY A 281 -16.37 1.21 -16.45
N VAL A 282 -16.14 2.08 -17.43
CA VAL A 282 -15.64 1.68 -18.74
C VAL A 282 -14.11 1.69 -18.72
N GLY A 283 -13.51 0.61 -19.22
CA GLY A 283 -12.06 0.51 -19.28
C GLY A 283 -11.43 1.47 -20.28
N LEU A 284 -10.10 1.55 -20.20
CA LEU A 284 -9.33 2.46 -21.03
C LEU A 284 -8.91 1.80 -22.33
N THR A 285 -9.17 2.46 -23.45
CA THR A 285 -8.61 2.07 -24.73
C THR A 285 -7.37 2.90 -25.01
N GLN A 286 -6.35 2.27 -25.58
CA GLN A 286 -5.15 2.96 -26.04
C GLN A 286 -4.93 2.59 -27.49
N PHE A 287 -4.59 3.58 -28.30
CA PHE A 287 -4.45 3.37 -29.74
C PHE A 287 -3.01 3.59 -30.17
N PHE A 288 -2.56 2.78 -31.13
CA PHE A 288 -1.25 2.91 -31.74
C PHE A 288 -1.41 2.89 -33.25
N ALA A 289 -0.52 3.60 -33.94
CA ALA A 289 -0.63 3.71 -35.38
C ALA A 289 -0.48 2.34 -36.04
N ASP A 290 -1.15 2.18 -37.17
CA ASP A 290 -1.07 0.94 -37.93
C ASP A 290 -0.83 1.26 -39.41
N GLY A 291 -1.91 1.55 -40.13
CA GLY A 291 -1.82 2.01 -41.51
C GLY A 291 -2.82 3.11 -41.75
N ASP A 292 -4.02 2.75 -42.24
CA ASP A 292 -5.14 3.68 -42.28
C ASP A 292 -6.04 3.53 -41.06
N GLY A 293 -5.76 2.57 -40.19
CA GLY A 293 -6.49 2.42 -38.94
C GLY A 293 -5.53 2.42 -37.76
N PHE A 294 -5.99 1.93 -36.62
CA PHE A 294 -5.18 1.88 -35.41
C PHE A 294 -5.03 0.45 -34.93
N SER A 295 -4.13 0.27 -33.98
CA SER A 295 -3.98 -0.97 -33.22
C SER A 295 -4.52 -0.70 -31.83
N PRO A 296 -5.78 -1.01 -31.56
CA PRO A 296 -6.34 -0.72 -30.24
C PRO A 296 -5.81 -1.68 -29.18
N ARG A 297 -5.74 -1.16 -27.96
CA ARG A 297 -5.32 -1.92 -26.79
C ARG A 297 -6.24 -1.53 -25.64
N THR A 298 -6.89 -2.51 -25.02
CA THR A 298 -7.86 -2.23 -23.98
C THR A 298 -7.44 -2.83 -22.65
N SER A 299 -7.91 -2.21 -21.57
CA SER A 299 -7.76 -2.76 -20.24
C SER A 299 -9.08 -2.54 -19.51
N GLU A 300 -9.32 -3.39 -18.51
CA GLU A 300 -10.54 -3.29 -17.72
C GLU A 300 -10.28 -2.57 -16.41
N VAL A 301 -11.35 -2.13 -15.78
CA VAL A 301 -11.27 -1.47 -14.50
C VAL A 301 -12.34 -2.10 -13.61
N SER A 302 -12.09 -2.15 -12.31
CA SER A 302 -13.08 -2.70 -11.40
C SER A 302 -13.60 -1.62 -10.45
N LEU A 303 -14.92 -1.63 -10.24
N LEU A 303 -14.91 -1.66 -10.22
CA LEU A 303 -15.55 -0.73 -9.27
CA LEU A 303 -15.60 -0.75 -9.31
C LEU A 303 -16.07 -1.45 -8.04
C LEU A 303 -16.05 -1.45 -8.04
N VAL A 304 -15.69 -2.71 -7.84
CA VAL A 304 -16.18 -3.51 -6.72
C VAL A 304 -15.03 -3.80 -5.76
N ASP A 305 -15.18 -3.37 -4.51
CA ASP A 305 -14.23 -3.66 -3.45
C ASP A 305 -14.45 -5.07 -2.90
N ARG A 306 -13.41 -5.58 -2.26
CA ARG A 306 -13.61 -6.59 -1.23
C ARG A 306 -14.12 -5.90 0.03
N PRO A 307 -15.15 -6.42 0.69
CA PRO A 307 -15.70 -5.76 1.87
C PRO A 307 -14.75 -5.83 3.05
N PRO A 308 -14.97 -5.04 4.09
CA PRO A 308 -14.12 -5.14 5.28
C PRO A 308 -14.05 -6.58 5.77
N MET A 309 -12.83 -7.03 6.08
CA MET A 309 -12.63 -8.42 6.49
C MET A 309 -13.42 -8.76 7.74
N ASN A 310 -13.69 -7.77 8.60
CA ASN A 310 -14.57 -7.97 9.75
C ASN A 310 -15.92 -8.57 9.39
N THR A 311 -16.42 -8.31 8.18
CA THR A 311 -17.74 -8.82 7.85
C THR A 311 -17.74 -10.33 7.68
N LEU A 312 -16.60 -10.94 7.38
CA LEU A 312 -16.52 -12.40 7.27
C LEU A 312 -16.26 -13.09 8.61
N ARG A 313 -16.16 -12.32 9.69
CA ARG A 313 -15.80 -12.87 11.00
C ARG A 313 -16.83 -13.91 11.45
N GLY A 314 -16.34 -15.05 11.91
CA GLY A 314 -17.20 -16.13 12.36
C GLY A 314 -17.64 -17.09 11.27
N LYS A 315 -17.47 -16.73 10.00
CA LYS A 315 -17.77 -17.61 8.89
C LYS A 315 -16.56 -18.39 8.39
N LEU A 316 -15.36 -18.11 8.92
CA LEU A 316 -14.13 -18.66 8.39
C LEU A 316 -13.68 -19.90 9.17
N ALA A 317 -13.17 -20.90 8.44
CA ALA A 317 -12.69 -22.13 9.08
C ALA A 317 -11.42 -21.87 9.87
N ALA A 318 -10.54 -21.02 9.36
CA ALA A 318 -9.44 -20.46 10.14
C ALA A 318 -9.90 -19.12 10.70
N ALA A 319 -9.96 -19.02 12.03
CA ALA A 319 -10.60 -17.87 12.65
C ALA A 319 -9.77 -16.61 12.49
N LEU A 320 -10.45 -15.48 12.31
CA LEU A 320 -9.78 -14.19 12.28
C LEU A 320 -9.28 -13.82 13.67
N GLU A 321 -8.09 -13.23 13.73
CA GLU A 321 -7.43 -12.95 15.00
C GLU A 321 -8.26 -12.04 15.92
#